data_3GDE
#
_entry.id   3GDE
#
_cell.length_a   94.355
_cell.length_b   94.355
_cell.length_c   197.416
_cell.angle_alpha   90.000
_cell.angle_beta   90.000
_cell.angle_gamma   90.000
#
_symmetry.space_group_name_H-M   'P 41 21 2'
#
loop_
_entity.id
_entity.type
_entity.pdbx_description
1 polymer 'DNA ligase'
2 non-polymer 'PHOSPHATE ION'
3 water water
#
_entity_poly.entity_id   1
_entity_poly.type   'polypeptide(L)'
_entity_poly.pdbx_seq_one_letter_code
;GSHMLFAEFAEFCERLEKISSTLELTARIAAFLQKIEDERDLYDVVLFITGKVYPPWDERELGVGIGLLYEALENVSGVK
RSEIESMIREYGDLGLVAEQLIKKKKMTTLAFEELTVRKVRETFDEIASLTGEGSMKRKIMLLTGLYGLATPLEARYLTR
LILNEMRLGVGEGIMRDAIARAFRADPETVERAYMITNDLGRVAVVAKKEGEEGLRKMKIEIHIPVRMMLAQVAESLESA
VREMRTAAVEWKFDGSRVQVHWDGSRVTIYSRRLENVTNALPDIVEEIKKSVKPGVILDGEVIAVKEGKPMPFQHVLRRF
RRKHDVAKMVEKIPLEAHFFDILYHDGECIDLPLRERRKLLESAVNESEKIKLAKQIVTDSVDEVRKMYDEAISAGHEGV
MIKLPSSPYIPGKRGKNWLKVKAIMETLDLVVVGGEWGEGKRSHWLSSFELACLDPVTGKLLKVGRVATGFTEEDLEELT
EMFRPLIVSQQGKKVEFIPKYVFEVAYQEIQKSPKYESGYALRFPRFVRLRDDKDVDEADTIERVENLYKLQFEVKRQ
;
_entity_poly.pdbx_strand_id   A
#
loop_
_chem_comp.id
_chem_comp.type
_chem_comp.name
_chem_comp.formula
PO4 non-polymer 'PHOSPHATE ION' 'O4 P -3'
#
# COMPACT_ATOMS: atom_id res chain seq x y z
N GLY A 1 -25.24 15.92 20.83
CA GLY A 1 -25.24 14.74 21.75
C GLY A 1 -23.87 14.20 22.05
N SER A 2 -23.82 12.91 22.42
CA SER A 2 -22.59 12.26 22.87
C SER A 2 -21.63 11.78 21.76
N HIS A 3 -22.18 11.54 20.56
CA HIS A 3 -21.39 11.08 19.41
C HIS A 3 -20.51 12.21 18.85
N MET A 4 -19.25 11.91 18.53
CA MET A 4 -18.35 12.92 17.95
C MET A 4 -18.89 13.40 16.60
N LEU A 5 -18.98 14.71 16.43
CA LEU A 5 -19.23 15.29 15.11
C LEU A 5 -17.95 15.24 14.29
N PHE A 6 -18.09 14.90 13.01
CA PHE A 6 -16.97 14.95 12.07
C PHE A 6 -16.34 16.34 12.11
N ALA A 7 -17.18 17.37 12.33
CA ALA A 7 -16.71 18.76 12.49
C ALA A 7 -15.73 18.98 13.64
N GLU A 8 -15.84 18.21 14.72
CA GLU A 8 -14.86 18.31 15.80
C GLU A 8 -13.52 17.78 15.29
N PHE A 9 -13.58 16.63 14.63
CA PHE A 9 -12.43 16.04 13.96
C PHE A 9 -11.84 16.97 12.90
N ALA A 10 -12.72 17.57 12.10
CA ALA A 10 -12.31 18.46 11.01
C ALA A 10 -11.56 19.69 11.51
N GLU A 11 -12.07 20.34 12.56
CA GLU A 11 -11.41 21.49 13.17
C GLU A 11 -10.08 21.12 13.78
N PHE A 12 -10.03 19.93 14.38
CA PHE A 12 -8.76 19.40 14.90
C PHE A 12 -7.72 19.24 13.79
N CYS A 13 -8.13 18.70 12.63
CA CYS A 13 -7.24 18.49 11.49
C CYS A 13 -6.74 19.80 10.89
N GLU A 14 -7.65 20.77 10.79
CA GLU A 14 -7.32 22.10 10.27
C GLU A 14 -6.15 22.72 11.04
N ARG A 15 -6.19 22.60 12.37
CA ARG A 15 -5.15 23.13 13.24
C ARG A 15 -3.80 22.42 13.05
N LEU A 16 -3.83 21.15 12.66
CA LEU A 16 -2.61 20.37 12.41
C LEU A 16 -1.88 20.79 11.13
N GLU A 17 -2.60 21.40 10.20
CA GLU A 17 -2.03 21.85 8.93
C GLU A 17 -0.92 22.89 9.12
N LYS A 18 -1.06 23.71 10.15
CA LYS A 18 -0.11 24.78 10.47
C LYS A 18 1.16 24.22 11.09
N ILE A 19 1.07 23.03 11.66
CA ILE A 19 2.14 22.46 12.45
C ILE A 19 3.06 21.59 11.58
N SER A 20 4.33 21.95 11.57
CA SER A 20 5.30 21.24 10.76
C SER A 20 6.17 20.29 11.58
N SER A 21 6.29 20.53 12.88
CA SER A 21 7.08 19.66 13.73
C SER A 21 6.43 18.30 13.94
N THR A 22 7.19 17.25 13.67
CA THR A 22 6.78 15.85 13.82
C THR A 22 6.44 15.48 15.27
N LEU A 23 7.24 15.98 16.20
CA LEU A 23 7.01 15.79 17.64
C LEU A 23 5.76 16.51 18.12
N GLU A 24 5.59 17.75 17.67
CA GLU A 24 4.40 18.52 17.97
C GLU A 24 3.12 17.87 17.44
N LEU A 25 3.17 17.38 16.21
CA LEU A 25 2.05 16.63 15.61
C LEU A 25 1.72 15.39 16.43
N THR A 26 2.76 14.62 16.78
CA THR A 26 2.61 13.45 17.64
C THR A 26 1.87 13.79 18.96
N ALA A 27 2.29 14.87 19.60
CA ALA A 27 1.76 15.25 20.92
C ALA A 27 0.31 15.78 20.85
N ARG A 28 0.03 16.62 19.85
CA ARG A 28 -1.34 17.06 19.56
C ARG A 28 -2.29 15.90 19.30
N ILE A 29 -1.85 14.95 18.47
CA ILE A 29 -2.69 13.80 18.10
C ILE A 29 -2.93 12.85 19.27
N ALA A 30 -1.90 12.60 20.08
CA ALA A 30 -2.03 11.81 21.31
C ALA A 30 -3.05 12.40 22.26
N ALA A 31 -2.93 13.70 22.53
CA ALA A 31 -3.88 14.43 23.37
C ALA A 31 -5.32 14.26 22.93
N PHE A 32 -5.56 14.43 21.63
CA PHE A 32 -6.90 14.24 21.03
C PHE A 32 -7.45 12.83 21.21
N LEU A 33 -6.61 11.84 20.88
CA LEU A 33 -6.96 10.43 20.97
C LEU A 33 -7.34 9.99 22.39
N GLN A 34 -6.61 10.52 23.38
CA GLN A 34 -6.83 10.23 24.81
C GLN A 34 -8.22 10.57 25.34
N LYS A 35 -8.90 11.51 24.70
CA LYS A 35 -10.13 12.07 25.23
C LYS A 35 -11.37 11.51 24.53
N ILE A 36 -11.14 10.58 23.62
CA ILE A 36 -12.21 9.87 22.96
C ILE A 36 -12.58 8.65 23.81
N GLU A 37 -13.84 8.59 24.23
CA GLU A 37 -14.34 7.49 25.06
C GLU A 37 -15.05 6.44 24.24
N ASP A 38 -15.76 6.85 23.20
CA ASP A 38 -16.45 5.92 22.32
C ASP A 38 -15.44 5.24 21.41
N GLU A 39 -15.34 3.92 21.52
CA GLU A 39 -14.25 3.19 20.88
C GLU A 39 -14.33 3.13 19.35
N ARG A 40 -15.53 3.33 18.80
CA ARG A 40 -15.70 3.38 17.35
C ARG A 40 -15.43 4.75 16.74
N ASP A 41 -15.64 5.82 17.50
CA ASP A 41 -15.14 7.14 17.10
C ASP A 41 -13.61 7.15 17.14
N LEU A 42 -13.03 6.45 18.12
CA LEU A 42 -11.56 6.31 18.21
C LEU A 42 -11.02 5.59 16.99
N TYR A 43 -11.58 4.42 16.72
CA TYR A 43 -11.27 3.61 15.54
C TYR A 43 -11.36 4.44 14.27
N ASP A 44 -12.50 5.08 14.07
CA ASP A 44 -12.69 5.88 12.87
C ASP A 44 -11.69 7.04 12.76
N VAL A 45 -11.44 7.74 13.87
CA VAL A 45 -10.51 8.87 13.85
C VAL A 45 -9.09 8.44 13.46
N VAL A 46 -8.66 7.28 13.97
CA VAL A 46 -7.32 6.79 13.70
C VAL A 46 -7.17 6.45 12.20
N LEU A 47 -8.14 5.72 11.66
CA LEU A 47 -8.21 5.49 10.23
C LEU A 47 -8.28 6.79 9.44
N PHE A 48 -9.32 7.60 9.71
CA PHE A 48 -9.59 8.82 8.95
C PHE A 48 -8.41 9.80 8.87
N ILE A 49 -7.67 9.98 9.97
CA ILE A 49 -6.54 10.92 9.96
C ILE A 49 -5.41 10.46 9.00
N THR A 50 -5.35 9.16 8.75
CA THR A 50 -4.35 8.59 7.82
C THR A 50 -4.82 8.58 6.37
N GLY A 51 -5.98 9.17 6.10
CA GLY A 51 -6.59 9.13 4.77
C GLY A 51 -7.16 7.78 4.37
N LYS A 52 -7.48 6.94 5.35
CA LYS A 52 -8.05 5.61 5.09
C LYS A 52 -9.46 5.49 5.62
N VAL A 53 -10.31 4.80 4.86
CA VAL A 53 -11.65 4.45 5.31
C VAL A 53 -11.68 2.96 5.68
N TYR A 54 -10.97 2.15 4.90
CA TYR A 54 -10.82 0.71 5.15
C TYR A 54 -9.35 0.32 5.08
N PRO A 55 -8.94 -0.72 5.83
CA PRO A 55 -7.65 -1.37 5.58
C PRO A 55 -7.59 -1.93 4.16
N PRO A 56 -6.39 -1.95 3.54
CA PRO A 56 -6.29 -2.40 2.14
C PRO A 56 -6.66 -3.88 1.94
N TRP A 57 -6.41 -4.69 2.96
CA TRP A 57 -6.71 -6.12 2.90
C TRP A 57 -8.19 -6.44 3.07
N ASP A 58 -8.93 -5.50 3.66
CA ASP A 58 -10.38 -5.56 3.75
C ASP A 58 -10.94 -5.58 2.31
N GLU A 59 -11.92 -6.43 2.05
CA GLU A 59 -12.51 -6.49 0.71
C GLU A 59 -13.30 -5.23 0.34
N ARG A 60 -13.75 -4.47 1.35
CA ARG A 60 -14.47 -3.21 1.12
C ARG A 60 -13.59 -2.07 0.58
N GLU A 61 -14.06 -1.45 -0.51
CA GLU A 61 -13.49 -0.22 -1.09
C GLU A 61 -14.67 0.74 -1.30
N LEU A 62 -14.46 2.03 -1.09
CA LEU A 62 -15.48 3.05 -1.41
C LEU A 62 -15.87 3.03 -2.89
N GLY A 63 -14.86 3.01 -3.78
CA GLY A 63 -15.11 3.01 -5.23
C GLY A 63 -15.69 4.33 -5.70
N VAL A 64 -15.23 5.41 -5.07
CA VAL A 64 -15.66 6.75 -5.42
C VAL A 64 -14.49 7.52 -6.06
N GLY A 65 -14.61 7.75 -7.37
CA GLY A 65 -13.64 8.55 -8.12
C GLY A 65 -13.99 10.02 -8.06
N ILE A 66 -13.00 10.86 -8.39
CA ILE A 66 -13.19 12.30 -8.36
C ILE A 66 -14.41 12.80 -9.17
N GLY A 67 -14.75 12.08 -10.24
CA GLY A 67 -15.91 12.40 -11.08
C GLY A 67 -17.23 12.33 -10.32
N LEU A 68 -17.37 11.35 -9.44
CA LEU A 68 -18.53 11.26 -8.54
C LEU A 68 -18.60 12.43 -7.57
N LEU A 69 -17.44 12.85 -7.08
CA LEU A 69 -17.36 14.03 -6.21
C LEU A 69 -17.82 15.31 -6.91
N TYR A 70 -17.37 15.49 -8.15
CA TYR A 70 -17.79 16.62 -8.97
C TYR A 70 -19.32 16.74 -9.12
N GLU A 71 -19.96 15.64 -9.50
CA GLU A 71 -21.41 15.59 -9.66
C GLU A 71 -22.16 15.92 -8.36
N ALA A 72 -21.67 15.39 -7.22
CA ALA A 72 -22.28 15.67 -5.92
C ALA A 72 -22.14 17.14 -5.56
N LEU A 73 -20.96 17.69 -5.80
CA LEU A 73 -20.69 19.10 -5.55
C LEU A 73 -21.52 20.01 -6.46
N GLU A 74 -21.73 19.58 -7.71
CA GLU A 74 -22.65 20.21 -8.65
C GLU A 74 -24.06 20.27 -8.03
N ASN A 75 -24.54 19.11 -7.58
CA ASN A 75 -25.88 19.00 -7.00
C ASN A 75 -26.13 19.95 -5.85
N VAL A 76 -25.18 20.03 -4.92
CA VAL A 76 -25.38 20.79 -3.70
C VAL A 76 -25.20 22.30 -3.88
N SER A 77 -24.27 22.68 -4.75
CA SER A 77 -23.88 24.09 -4.89
C SER A 77 -24.60 24.80 -6.02
N GLY A 78 -25.10 24.01 -6.97
CA GLY A 78 -25.72 24.56 -8.16
C GLY A 78 -24.73 24.96 -9.25
N VAL A 79 -23.46 25.11 -8.88
CA VAL A 79 -22.43 25.53 -9.85
C VAL A 79 -22.06 24.37 -10.78
N LYS A 80 -21.86 24.67 -12.06
CA LYS A 80 -21.63 23.62 -13.05
C LYS A 80 -20.25 23.01 -12.91
N ARG A 81 -20.13 21.76 -13.35
CA ARG A 81 -18.90 20.98 -13.16
C ARG A 81 -17.66 21.66 -13.74
N SER A 82 -17.81 22.28 -14.92
CA SER A 82 -16.70 23.00 -15.58
C SER A 82 -16.11 24.10 -14.68
N GLU A 83 -16.97 24.81 -13.96
CA GLU A 83 -16.51 25.81 -12.99
C GLU A 83 -15.83 25.18 -11.76
N ILE A 84 -16.37 24.09 -11.24
CA ILE A 84 -15.76 23.39 -10.09
C ILE A 84 -14.38 22.84 -10.45
N GLU A 85 -14.22 22.39 -11.70
CA GLU A 85 -12.94 21.92 -12.22
C GLU A 85 -11.92 23.04 -12.32
N SER A 86 -12.33 24.22 -12.79
CA SER A 86 -11.40 25.35 -12.82
C SER A 86 -11.03 25.78 -11.40
N MET A 87 -11.96 25.63 -10.46
CA MET A 87 -11.70 25.91 -9.05
C MET A 87 -10.63 24.98 -8.45
N ILE A 88 -10.62 23.71 -8.83
CA ILE A 88 -9.59 22.77 -8.34
C ILE A 88 -8.18 23.18 -8.79
N ARG A 89 -8.06 23.73 -10.00
CA ARG A 89 -6.80 24.23 -10.53
C ARG A 89 -6.43 25.58 -9.91
N GLU A 90 -7.46 26.33 -9.49
CA GLU A 90 -7.26 27.58 -8.74
C GLU A 90 -6.81 27.31 -7.30
N TYR A 91 -7.55 26.47 -6.57
CA TYR A 91 -7.26 26.22 -5.17
C TYR A 91 -6.19 25.14 -4.96
N GLY A 92 -5.99 24.27 -5.94
CA GLY A 92 -4.97 23.20 -5.87
C GLY A 92 -5.41 21.97 -5.07
N ASP A 93 -6.67 21.97 -4.63
CA ASP A 93 -7.20 20.90 -3.78
C ASP A 93 -8.71 20.89 -3.86
N LEU A 94 -9.29 19.71 -4.07
CA LEU A 94 -10.74 19.59 -4.13
C LEU A 94 -11.40 19.82 -2.77
N GLY A 95 -10.67 19.51 -1.70
CA GLY A 95 -11.14 19.76 -0.33
C GLY A 95 -11.43 21.24 -0.11
N LEU A 96 -10.48 22.08 -0.52
CA LEU A 96 -10.63 23.54 -0.39
C LEU A 96 -11.73 24.09 -1.28
N VAL A 97 -11.97 23.43 -2.41
CA VAL A 97 -13.07 23.78 -3.29
C VAL A 97 -14.41 23.42 -2.65
N ALA A 98 -14.52 22.20 -2.12
CA ALA A 98 -15.72 21.76 -1.44
C ALA A 98 -16.07 22.72 -0.29
N GLU A 99 -15.07 23.06 0.53
CA GLU A 99 -15.22 24.04 1.60
C GLU A 99 -15.80 25.37 1.11
N GLN A 100 -15.30 25.84 -0.02
CA GLN A 100 -15.73 27.09 -0.61
C GLN A 100 -17.16 27.03 -1.14
N LEU A 101 -17.50 25.94 -1.83
CA LEU A 101 -18.87 25.76 -2.32
C LEU A 101 -19.92 25.68 -1.21
N ILE A 102 -19.61 24.96 -0.13
CA ILE A 102 -20.54 24.84 0.99
C ILE A 102 -20.65 26.16 1.79
N LYS A 103 -19.52 26.86 1.92
CA LYS A 103 -19.51 28.17 2.55
C LYS A 103 -20.47 29.13 1.85
N LYS A 104 -20.40 29.15 0.52
CA LYS A 104 -21.30 29.94 -0.32
C LYS A 104 -22.75 29.47 -0.22
N LYS A 105 -22.96 28.16 -0.15
CA LYS A 105 -24.31 27.59 -0.15
C LYS A 105 -25.10 27.77 1.15
N LYS A 106 -24.44 27.66 2.29
CA LYS A 106 -25.15 27.89 3.56
C LYS A 106 -25.35 29.38 3.84
N MET A 107 -24.48 30.22 3.29
CA MET A 107 -24.70 31.66 3.28
C MET A 107 -25.98 31.99 2.52
N THR A 108 -26.20 31.30 1.40
CA THR A 108 -27.36 31.54 0.56
C THR A 108 -28.61 30.85 1.14
N THR A 109 -28.46 29.61 1.60
CA THR A 109 -29.58 28.84 2.12
C THR A 109 -29.23 28.19 3.46
N LEU A 110 -29.37 28.96 4.53
CA LEU A 110 -29.02 28.54 5.89
C LEU A 110 -29.83 27.33 6.39
N ALA A 111 -29.12 26.37 6.98
CA ALA A 111 -29.71 25.25 7.71
C ALA A 111 -28.68 24.87 8.76
N PHE A 112 -29.05 24.15 9.82
CA PHE A 112 -27.97 23.74 10.68
C PHE A 112 -27.25 22.48 10.17
N GLU A 113 -25.93 22.53 10.34
CA GLU A 113 -25.02 21.62 9.69
C GLU A 113 -24.13 20.97 10.73
N GLU A 114 -23.31 20.02 10.27
CA GLU A 114 -22.53 19.11 11.13
C GLU A 114 -23.07 17.70 10.95
N LEU A 115 -22.20 16.72 10.79
CA LEU A 115 -22.63 15.33 10.94
C LEU A 115 -21.66 14.56 11.78
N THR A 116 -22.16 13.47 12.35
CA THR A 116 -21.39 12.64 13.24
C THR A 116 -20.44 11.77 12.43
N VAL A 117 -19.33 11.43 13.07
CA VAL A 117 -18.40 10.45 12.52
C VAL A 117 -19.17 9.16 12.26
N ARG A 118 -20.14 8.85 13.12
CA ARG A 118 -20.93 7.64 12.98
C ARG A 118 -21.74 7.64 11.67
N LYS A 119 -22.41 8.75 11.38
CA LYS A 119 -23.11 8.92 10.11
C LYS A 119 -22.18 8.85 8.89
N VAL A 120 -21.00 9.47 8.98
CA VAL A 120 -19.99 9.38 7.91
C VAL A 120 -19.61 7.92 7.64
N ARG A 121 -19.30 7.20 8.72
CA ARG A 121 -19.00 5.77 8.65
C ARG A 121 -20.13 4.95 8.01
N GLU A 122 -21.37 5.20 8.43
CA GLU A 122 -22.54 4.46 7.92
C GLU A 122 -22.78 4.71 6.44
N THR A 123 -22.72 5.98 6.05
CA THR A 123 -22.86 6.40 4.65
C THR A 123 -21.77 5.78 3.76
N PHE A 124 -20.53 5.81 4.27
CA PHE A 124 -19.39 5.14 3.60
C PHE A 124 -19.58 3.64 3.42
N ASP A 125 -20.03 2.95 4.48
CA ASP A 125 -20.29 1.51 4.42
C ASP A 125 -21.38 1.16 3.40
N GLU A 126 -22.43 1.98 3.31
CA GLU A 126 -23.43 1.80 2.26
C GLU A 126 -22.85 2.03 0.86
N ILE A 127 -22.14 3.13 0.66
CA ILE A 127 -21.48 3.42 -0.60
C ILE A 127 -20.59 2.27 -1.08
N ALA A 128 -19.74 1.75 -0.19
CA ALA A 128 -18.89 0.57 -0.49
C ALA A 128 -19.64 -0.70 -0.95
N SER A 129 -20.86 -0.89 -0.46
CA SER A 129 -21.65 -2.09 -0.81
C SER A 129 -22.35 -2.03 -2.18
N LEU A 130 -22.37 -0.85 -2.80
CA LEU A 130 -23.19 -0.64 -3.99
C LEU A 130 -22.52 -1.11 -5.28
N THR A 131 -23.15 -2.08 -5.93
CA THR A 131 -22.71 -2.54 -7.25
C THR A 131 -23.88 -2.62 -8.22
N GLY A 132 -23.56 -2.58 -9.50
CA GLY A 132 -24.52 -2.93 -10.53
C GLY A 132 -25.16 -1.72 -11.16
N GLU A 133 -26.28 -1.94 -11.84
CA GLU A 133 -26.96 -0.88 -12.57
C GLU A 133 -27.50 0.16 -11.60
N GLY A 134 -27.12 1.42 -11.85
CA GLY A 134 -27.61 2.53 -11.05
C GLY A 134 -26.83 2.81 -9.79
N SER A 135 -25.85 1.96 -9.49
CA SER A 135 -25.02 2.11 -8.30
C SER A 135 -24.23 3.42 -8.26
N MET A 136 -23.64 3.80 -9.40
CA MET A 136 -22.89 5.06 -9.49
C MET A 136 -23.76 6.29 -9.15
N LYS A 137 -24.98 6.32 -9.66
CA LYS A 137 -25.89 7.45 -9.41
C LYS A 137 -26.36 7.50 -7.95
N ARG A 138 -26.65 6.35 -7.35
CA ARG A 138 -26.99 6.33 -5.92
C ARG A 138 -25.81 6.80 -5.05
N LYS A 139 -24.60 6.38 -5.39
CA LYS A 139 -23.40 6.87 -4.72
C LYS A 139 -23.34 8.39 -4.75
N ILE A 140 -23.61 8.97 -5.90
CA ILE A 140 -23.66 10.43 -6.03
C ILE A 140 -24.76 11.01 -5.12
N MET A 141 -25.92 10.35 -5.07
CA MET A 141 -27.01 10.83 -4.21
C MET A 141 -26.65 10.76 -2.72
N LEU A 142 -25.95 9.70 -2.32
CA LEU A 142 -25.49 9.55 -0.94
C LEU A 142 -24.44 10.57 -0.55
N LEU A 143 -23.46 10.80 -1.43
CA LEU A 143 -22.47 11.87 -1.25
C LEU A 143 -23.11 13.26 -1.21
N THR A 144 -24.08 13.50 -2.12
CA THR A 144 -24.88 14.73 -2.17
C THR A 144 -25.64 15.00 -0.87
N GLY A 145 -26.19 13.95 -0.27
CA GLY A 145 -26.86 14.07 1.00
C GLY A 145 -25.91 14.46 2.11
N LEU A 146 -24.68 13.96 2.03
CA LEU A 146 -23.66 14.21 3.04
C LEU A 146 -23.14 15.66 2.94
N TYR A 147 -22.88 16.11 1.72
CA TYR A 147 -22.44 17.49 1.47
C TYR A 147 -23.51 18.52 1.82
N GLY A 148 -24.79 18.15 1.67
CA GLY A 148 -25.90 19.00 2.09
C GLY A 148 -26.00 19.22 3.60
N LEU A 149 -25.45 18.30 4.38
CA LEU A 149 -25.50 18.37 5.86
C LEU A 149 -24.20 18.84 6.52
N ALA A 150 -23.12 18.89 5.74
CA ALA A 150 -21.79 19.16 6.26
C ALA A 150 -21.44 20.65 6.38
N THR A 151 -20.62 20.99 7.38
CA THR A 151 -20.03 22.32 7.44
C THR A 151 -18.96 22.45 6.34
N PRO A 152 -18.57 23.69 5.99
CA PRO A 152 -17.49 23.89 5.03
C PRO A 152 -16.22 23.09 5.37
N LEU A 153 -15.79 23.14 6.63
CA LEU A 153 -14.61 22.38 7.07
C LEU A 153 -14.80 20.86 7.07
N GLU A 154 -16.04 20.41 7.34
CA GLU A 154 -16.35 18.98 7.18
C GLU A 154 -16.24 18.57 5.73
N ALA A 155 -16.76 19.40 4.83
CA ALA A 155 -16.77 19.09 3.40
C ALA A 155 -15.33 18.98 2.86
N ARG A 156 -14.46 19.81 3.41
CA ARG A 156 -13.04 19.77 3.08
C ARG A 156 -12.39 18.43 3.37
N TYR A 157 -12.48 17.96 4.62
CA TYR A 157 -11.84 16.68 5.02
C TYR A 157 -12.61 15.43 4.61
N LEU A 158 -13.90 15.56 4.35
CA LEU A 158 -14.67 14.46 3.76
C LEU A 158 -14.13 14.19 2.37
N THR A 159 -13.91 15.27 1.63
CA THR A 159 -13.42 15.21 0.26
C THR A 159 -12.00 14.65 0.25
N ARG A 160 -11.13 15.17 1.13
CA ARG A 160 -9.74 14.75 1.21
C ARG A 160 -9.62 13.29 1.65
N LEU A 161 -10.54 12.87 2.51
CA LEU A 161 -10.61 11.49 3.01
C LEU A 161 -10.94 10.52 1.88
N ILE A 162 -12.00 10.80 1.13
CA ILE A 162 -12.37 10.03 -0.06
C ILE A 162 -11.23 9.95 -1.10
N LEU A 163 -10.49 11.04 -1.25
CA LEU A 163 -9.34 11.10 -2.16
C LEU A 163 -8.05 10.56 -1.51
N ASN A 164 -8.15 10.13 -0.26
CA ASN A 164 -7.04 9.51 0.49
C ASN A 164 -5.77 10.35 0.72
N GLU A 165 -5.86 11.67 0.54
CA GLU A 165 -4.77 12.60 0.89
C GLU A 165 -5.25 13.76 1.76
N MET A 166 -5.02 13.64 3.06
CA MET A 166 -5.52 14.60 4.07
C MET A 166 -4.70 15.90 4.10
N ARG A 167 -3.44 15.81 3.68
CA ARG A 167 -2.49 16.94 3.56
C ARG A 167 -2.16 17.59 4.90
N LEU A 168 -1.97 16.74 5.92
CA LEU A 168 -1.75 17.20 7.29
C LEU A 168 -0.31 16.98 7.71
N GLY A 169 0.46 16.30 6.87
CA GLY A 169 1.83 15.93 7.22
C GLY A 169 1.89 14.82 8.26
N VAL A 170 0.84 13.98 8.28
CA VAL A 170 0.74 12.89 9.25
C VAL A 170 0.77 11.55 8.52
N GLY A 171 1.78 10.74 8.84
CA GLY A 171 1.88 9.42 8.27
C GLY A 171 1.75 8.34 9.34
N GLU A 172 2.17 7.14 8.94
CA GLU A 172 2.11 5.95 9.75
C GLU A 172 2.98 6.07 11.00
N GLY A 173 4.17 6.63 10.83
CA GLY A 173 5.14 6.82 11.90
C GLY A 173 4.63 7.72 13.02
N ILE A 174 4.09 8.87 12.64
CA ILE A 174 3.50 9.78 13.62
C ILE A 174 2.33 9.11 14.36
N MET A 175 1.47 8.43 13.62
CA MET A 175 0.33 7.73 14.23
C MET A 175 0.70 6.62 15.23
N ARG A 176 1.69 5.79 14.87
CA ARG A 176 2.25 4.77 15.78
C ARG A 176 2.72 5.45 17.07
N ASP A 177 3.48 6.53 16.91
CA ASP A 177 4.07 7.26 18.03
C ASP A 177 3.00 7.96 18.90
N ALA A 178 1.96 8.45 18.25
CA ALA A 178 0.87 9.17 18.92
C ALA A 178 0.00 8.22 19.72
N ILE A 179 -0.26 7.03 19.16
CA ILE A 179 -0.99 5.98 19.85
C ILE A 179 -0.20 5.48 21.05
N ALA A 180 1.11 5.32 20.88
CA ALA A 180 2.00 4.94 21.98
C ALA A 180 2.01 5.99 23.11
N ARG A 181 2.10 7.27 22.73
CA ARG A 181 2.10 8.38 23.67
C ARG A 181 0.79 8.48 24.45
N ALA A 182 -0.34 8.37 23.75
CA ALA A 182 -1.68 8.52 24.31
C ALA A 182 -2.01 7.46 25.34
N PHE A 183 -1.61 6.22 25.07
CA PHE A 183 -2.07 5.08 25.85
C PHE A 183 -0.96 4.34 26.59
N ARG A 184 0.16 5.04 26.81
CA ARG A 184 1.25 4.54 27.66
C ARG A 184 1.75 3.18 27.19
N ALA A 185 2.15 3.12 25.92
CA ALA A 185 2.72 1.93 25.32
C ALA A 185 4.07 2.25 24.66
N ASP A 186 4.92 1.23 24.55
CA ASP A 186 6.18 1.32 23.82
C ASP A 186 5.77 1.46 22.34
N PRO A 187 6.35 2.44 21.62
CA PRO A 187 6.09 2.57 20.19
C PRO A 187 6.41 1.30 19.40
N GLU A 188 7.36 0.52 19.88
CA GLU A 188 7.76 -0.74 19.24
C GLU A 188 6.73 -1.83 19.36
N THR A 189 6.03 -1.87 20.49
CA THR A 189 4.95 -2.84 20.64
C THR A 189 3.65 -2.41 19.97
N VAL A 190 3.47 -1.10 19.73
CA VAL A 190 2.34 -0.62 18.90
C VAL A 190 2.62 -1.04 17.45
N GLU A 191 3.83 -0.73 17.01
CA GLU A 191 4.37 -1.18 15.74
C GLU A 191 4.18 -2.68 15.53
N ARG A 192 4.68 -3.49 16.47
CA ARG A 192 4.58 -4.95 16.38
C ARG A 192 3.16 -5.45 16.22
N ALA A 193 2.23 -4.88 17.00
CA ALA A 193 0.81 -5.22 16.92
C ALA A 193 0.17 -4.84 15.58
N TYR A 194 0.61 -3.71 15.03
CA TYR A 194 0.19 -3.27 13.71
C TYR A 194 0.62 -4.25 12.62
N MET A 195 1.85 -4.76 12.74
CA MET A 195 2.39 -5.69 11.75
C MET A 195 1.63 -7.03 11.67
N ILE A 196 0.96 -7.44 12.74
CA ILE A 196 0.20 -8.69 12.72
C ILE A 196 -1.32 -8.53 12.57
N THR A 197 -1.81 -7.29 12.66
CA THR A 197 -3.26 -7.02 12.50
C THR A 197 -3.54 -6.20 11.26
N ASN A 198 -2.60 -5.36 10.87
CA ASN A 198 -2.74 -4.43 9.75
C ASN A 198 -4.00 -3.53 9.81
N ASP A 199 -4.36 -3.16 11.03
CA ASP A 199 -5.44 -2.23 11.30
C ASP A 199 -5.04 -1.37 12.51
N LEU A 200 -4.58 -0.15 12.24
CA LEU A 200 -4.16 0.78 13.29
C LEU A 200 -5.29 1.20 14.20
N GLY A 201 -6.50 1.22 13.66
CA GLY A 201 -7.70 1.52 14.45
C GLY A 201 -7.94 0.46 15.52
N ARG A 202 -7.91 -0.81 15.09
CA ARG A 202 -7.98 -1.95 16.01
C ARG A 202 -6.89 -1.86 17.08
N VAL A 203 -5.67 -1.56 16.66
CA VAL A 203 -4.54 -1.41 17.57
C VAL A 203 -4.78 -0.29 18.62
N ALA A 204 -5.29 0.86 18.16
CA ALA A 204 -5.57 1.99 19.06
C ALA A 204 -6.61 1.60 20.12
N VAL A 205 -7.67 0.92 19.69
CA VAL A 205 -8.71 0.47 20.59
C VAL A 205 -8.17 -0.50 21.66
N VAL A 206 -7.27 -1.40 21.25
CA VAL A 206 -6.67 -2.33 22.21
C VAL A 206 -5.78 -1.55 23.18
N ALA A 207 -5.04 -0.57 22.66
CA ALA A 207 -4.18 0.26 23.48
C ALA A 207 -4.99 1.07 24.49
N LYS A 208 -6.18 1.53 24.10
CA LYS A 208 -7.07 2.26 24.99
C LYS A 208 -7.59 1.37 26.12
N LYS A 209 -8.08 0.20 25.76
CA LYS A 209 -8.76 -0.69 26.69
C LYS A 209 -7.80 -1.46 27.60
N GLU A 210 -6.64 -1.85 27.06
CA GLU A 210 -5.77 -2.82 27.75
C GLU A 210 -4.30 -2.41 27.84
N GLY A 211 -3.98 -1.24 27.31
CA GLY A 211 -2.60 -0.73 27.33
C GLY A 211 -1.55 -1.63 26.70
N GLU A 212 -0.31 -1.45 27.16
CA GLU A 212 0.85 -2.23 26.71
C GLU A 212 0.66 -3.76 26.79
N GLU A 213 0.17 -4.23 27.93
CA GLU A 213 -0.04 -5.67 28.15
C GLU A 213 -1.01 -6.29 27.15
N GLY A 214 -2.08 -5.56 26.81
CA GLY A 214 -3.06 -6.02 25.83
C GLY A 214 -2.51 -6.08 24.41
N LEU A 215 -1.58 -5.18 24.11
CA LEU A 215 -0.94 -5.15 22.79
C LEU A 215 0.06 -6.28 22.60
N ARG A 216 0.81 -6.62 23.66
CA ARG A 216 1.77 -7.73 23.63
C ARG A 216 1.06 -9.06 23.44
N LYS A 217 -0.16 -9.15 23.97
CA LYS A 217 -0.98 -10.35 23.96
C LYS A 217 -1.66 -10.63 22.60
N MET A 218 -1.60 -9.68 21.68
CA MET A 218 -2.19 -9.87 20.36
C MET A 218 -1.43 -10.91 19.54
N LYS A 219 -2.18 -11.80 18.88
CA LYS A 219 -1.61 -12.89 18.10
C LYS A 219 -2.07 -12.85 16.65
N ILE A 220 -1.31 -13.56 15.80
CA ILE A 220 -1.72 -13.82 14.42
C ILE A 220 -2.97 -14.69 14.45
N GLU A 221 -3.98 -14.29 13.68
CA GLU A 221 -5.15 -15.13 13.46
C GLU A 221 -5.35 -15.35 11.96
N ILE A 222 -5.78 -16.57 11.62
CA ILE A 222 -5.96 -16.96 10.22
C ILE A 222 -6.99 -16.07 9.53
N HIS A 223 -6.62 -15.65 8.32
CA HIS A 223 -7.40 -14.76 7.45
C HIS A 223 -7.21 -13.27 7.78
N ILE A 224 -6.42 -12.98 8.81
CA ILE A 224 -5.95 -11.62 9.03
C ILE A 224 -4.47 -11.53 8.64
N PRO A 225 -4.17 -10.74 7.60
CA PRO A 225 -2.83 -10.72 7.01
C PRO A 225 -1.80 -10.14 7.96
N VAL A 226 -0.62 -10.72 7.90
CA VAL A 226 0.51 -10.19 8.63
C VAL A 226 1.53 -9.59 7.64
N ARG A 227 2.13 -8.48 8.05
CA ARG A 227 3.10 -7.79 7.22
C ARG A 227 4.27 -8.71 6.97
N MET A 228 4.61 -8.90 5.70
CA MET A 228 5.66 -9.86 5.35
C MET A 228 7.05 -9.40 5.83
N MET A 229 7.87 -10.37 6.22
CA MET A 229 9.28 -10.09 6.50
C MET A 229 9.98 -9.76 5.19
N LEU A 230 10.80 -8.72 5.19
CA LEU A 230 11.45 -8.25 3.96
C LEU A 230 12.95 -8.43 3.99
N ALA A 231 13.57 -8.61 2.81
CA ALA A 231 15.01 -8.78 2.70
C ALA A 231 15.73 -7.54 2.16
N GLN A 232 16.97 -7.36 2.62
CA GLN A 232 17.87 -6.32 2.09
C GLN A 232 18.59 -6.82 0.84
N VAL A 233 18.95 -5.90 -0.05
CA VAL A 233 19.78 -6.26 -1.19
C VAL A 233 21.23 -6.42 -0.72
N ALA A 234 21.82 -7.58 -0.98
CA ALA A 234 23.22 -7.83 -0.67
C ALA A 234 24.10 -7.23 -1.76
N GLU A 235 25.28 -6.76 -1.35
CA GLU A 235 26.28 -6.21 -2.28
C GLU A 235 26.75 -7.28 -3.26
N SER A 236 27.08 -8.45 -2.69
CA SER A 236 27.53 -9.59 -3.46
C SER A 236 27.21 -10.89 -2.74
N LEU A 237 27.31 -11.99 -3.48
CA LEU A 237 27.07 -13.33 -2.99
C LEU A 237 28.00 -13.73 -1.83
N GLU A 238 29.31 -13.49 -2.00
CA GLU A 238 30.30 -13.90 -1.01
C GLU A 238 30.40 -12.98 0.22
N SER A 239 29.90 -11.75 0.11
CA SER A 239 29.82 -10.86 1.26
C SER A 239 28.64 -11.23 2.16
N ALA A 240 27.54 -11.62 1.53
CA ALA A 240 26.36 -12.11 2.23
C ALA A 240 26.66 -13.41 2.96
N VAL A 241 27.28 -14.36 2.25
CA VAL A 241 27.54 -15.70 2.79
C VAL A 241 28.77 -15.76 3.69
N ARG A 242 29.29 -14.59 4.06
CA ARG A 242 30.35 -14.49 5.07
C ARG A 242 29.91 -13.73 6.32
N GLU A 243 29.00 -12.76 6.17
CA GLU A 243 28.36 -12.12 7.32
C GLU A 243 27.62 -13.19 8.12
N MET A 244 26.75 -13.94 7.45
CA MET A 244 26.27 -15.21 7.96
C MET A 244 27.36 -16.22 7.61
N ARG A 245 27.77 -17.03 8.57
CA ARG A 245 28.83 -18.00 8.33
C ARG A 245 28.24 -19.20 7.59
N THR A 246 27.23 -19.81 8.19
CA THR A 246 26.38 -20.80 7.52
C THR A 246 25.07 -20.09 7.18
N ALA A 247 24.48 -20.45 6.04
CA ALA A 247 23.29 -19.76 5.54
C ALA A 247 22.30 -20.71 4.92
N ALA A 248 21.01 -20.46 5.16
CA ALA A 248 19.94 -21.14 4.43
C ALA A 248 19.76 -20.39 3.11
N VAL A 249 19.84 -21.13 2.00
CA VAL A 249 19.81 -20.52 0.68
C VAL A 249 18.68 -21.10 -0.15
N GLU A 250 17.91 -20.21 -0.76
CA GLU A 250 16.81 -20.59 -1.63
C GLU A 250 16.92 -19.79 -2.92
N TRP A 251 16.20 -20.22 -3.94
CA TRP A 251 16.05 -19.46 -5.17
C TRP A 251 15.27 -18.17 -4.87
N LYS A 252 15.65 -17.08 -5.54
CA LYS A 252 14.75 -15.95 -5.67
C LYS A 252 13.99 -16.02 -6.99
N PHE A 253 12.69 -16.28 -6.88
CA PHE A 253 11.81 -16.46 -8.05
C PHE A 253 11.39 -15.15 -8.75
N ASP A 254 11.26 -15.23 -10.06
CA ASP A 254 10.58 -14.19 -10.83
C ASP A 254 9.08 -14.47 -10.70
N GLY A 255 8.47 -13.85 -9.69
CA GLY A 255 7.05 -14.01 -9.44
C GLY A 255 6.51 -12.98 -8.48
N SER A 256 5.33 -13.25 -7.93
CA SER A 256 4.69 -12.34 -6.97
C SER A 256 4.54 -13.00 -5.62
N ARG A 257 5.03 -12.32 -4.58
CA ARG A 257 4.90 -12.81 -3.23
C ARG A 257 3.44 -12.82 -2.75
N VAL A 258 3.07 -13.88 -2.06
CA VAL A 258 1.74 -14.01 -1.49
C VAL A 258 1.80 -14.63 -0.09
N GLN A 259 0.70 -14.48 0.61
CA GLN A 259 0.54 -15.09 1.92
C GLN A 259 -0.79 -15.85 1.93
N VAL A 260 -0.73 -17.13 2.26
CA VAL A 260 -1.86 -18.03 2.14
C VAL A 260 -2.36 -18.47 3.51
N HIS A 261 -3.65 -18.26 3.75
CA HIS A 261 -4.29 -18.57 5.04
C HIS A 261 -5.33 -19.70 4.87
N TRP A 262 -5.24 -20.73 5.71
CA TRP A 262 -6.07 -21.94 5.56
C TRP A 262 -5.77 -22.97 6.66
N ASP A 263 -6.73 -23.53 7.39
CA ASP A 263 -8.05 -23.05 7.81
C ASP A 263 -8.77 -24.14 8.64
N GLY A 264 -9.39 -25.18 8.05
CA GLY A 264 -9.40 -25.49 6.63
C GLY A 264 -10.81 -25.67 6.06
N SER A 265 -11.54 -24.56 5.99
CA SER A 265 -12.88 -24.51 5.44
C SER A 265 -12.89 -23.49 4.28
N ARG A 266 -11.99 -22.52 4.37
CA ARG A 266 -11.79 -21.52 3.32
C ARG A 266 -10.34 -21.04 3.23
N VAL A 267 -9.98 -20.52 2.06
CA VAL A 267 -8.65 -20.00 1.77
C VAL A 267 -8.79 -18.50 1.55
N THR A 268 -7.86 -17.73 2.13
CA THR A 268 -7.60 -16.36 1.68
C THR A 268 -6.15 -16.23 1.22
N ILE A 269 -5.96 -15.46 0.16
CA ILE A 269 -4.62 -15.18 -0.38
C ILE A 269 -4.42 -13.67 -0.44
N TYR A 270 -3.34 -13.22 0.18
CA TYR A 270 -2.95 -11.81 0.15
C TYR A 270 -1.68 -11.61 -0.66
N SER A 271 -1.64 -10.52 -1.40
CA SER A 271 -0.47 -10.17 -2.18
C SER A 271 0.61 -9.48 -1.33
N ARG A 272 1.69 -9.05 -1.96
CA ARG A 272 2.82 -8.38 -1.30
C ARG A 272 2.36 -7.14 -0.55
N ARG A 273 1.40 -6.40 -1.14
CA ARG A 273 0.85 -5.20 -0.51
C ARG A 273 -0.44 -5.50 0.25
N LEU A 274 -0.67 -6.80 0.44
CA LEU A 274 -1.80 -7.33 1.18
C LEU A 274 -3.16 -6.97 0.59
N GLU A 275 -3.28 -7.00 -0.74
CA GLU A 275 -4.57 -7.00 -1.41
C GLU A 275 -5.11 -8.43 -1.35
N ASN A 276 -6.40 -8.55 -1.06
CA ASN A 276 -7.09 -9.84 -1.11
C ASN A 276 -7.25 -10.28 -2.58
N VAL A 277 -6.47 -11.26 -2.99
CA VAL A 277 -6.46 -11.72 -4.38
C VAL A 277 -7.03 -13.14 -4.51
N THR A 278 -7.73 -13.59 -3.48
CA THR A 278 -8.30 -14.95 -3.40
C THR A 278 -9.21 -15.31 -4.58
N ASN A 279 -10.16 -14.44 -4.92
CA ASN A 279 -11.12 -14.70 -5.99
C ASN A 279 -10.48 -14.69 -7.38
N ALA A 280 -9.31 -14.04 -7.48
CA ALA A 280 -8.56 -14.01 -8.73
C ALA A 280 -7.78 -15.31 -8.95
N LEU A 281 -7.61 -16.10 -7.89
CA LEU A 281 -6.81 -17.32 -7.96
C LEU A 281 -7.54 -18.62 -7.61
N PRO A 282 -8.68 -18.90 -8.29
CA PRO A 282 -9.36 -20.18 -8.00
C PRO A 282 -8.48 -21.40 -8.21
N ASP A 283 -7.61 -21.35 -9.23
CA ASP A 283 -6.69 -22.44 -9.52
C ASP A 283 -5.73 -22.75 -8.37
N ILE A 284 -5.10 -21.71 -7.83
CA ILE A 284 -4.19 -21.87 -6.70
C ILE A 284 -4.95 -22.23 -5.42
N VAL A 285 -6.08 -21.57 -5.20
CA VAL A 285 -6.97 -21.88 -4.07
C VAL A 285 -7.30 -23.38 -3.99
N GLU A 286 -7.77 -23.97 -5.09
CA GLU A 286 -8.09 -25.39 -5.13
C GLU A 286 -6.90 -26.28 -4.84
N GLU A 287 -5.73 -25.94 -5.39
CA GLU A 287 -4.50 -26.70 -5.19
C GLU A 287 -4.04 -26.67 -3.73
N ILE A 288 -4.28 -25.55 -3.07
CA ILE A 288 -4.01 -25.42 -1.64
C ILE A 288 -4.90 -26.35 -0.80
N LYS A 289 -6.19 -26.41 -1.16
CA LYS A 289 -7.16 -27.27 -0.49
C LYS A 289 -6.83 -28.76 -0.59
N LYS A 290 -6.23 -29.18 -1.70
CA LYS A 290 -5.80 -30.58 -1.80
C LYS A 290 -4.37 -30.86 -1.35
N SER A 291 -3.49 -29.87 -1.45
CA SER A 291 -2.07 -30.10 -1.18
C SER A 291 -1.57 -29.64 0.18
N VAL A 292 -2.28 -28.72 0.84
CA VAL A 292 -1.76 -28.23 2.12
C VAL A 292 -2.60 -28.62 3.34
N LYS A 293 -1.89 -28.87 4.43
CA LYS A 293 -2.46 -29.21 5.72
C LYS A 293 -3.20 -28.00 6.31
N PRO A 294 -4.48 -28.17 6.69
CA PRO A 294 -5.31 -27.08 7.22
C PRO A 294 -4.75 -26.51 8.53
N GLY A 295 -5.03 -25.24 8.80
CA GLY A 295 -4.58 -24.59 10.05
C GLY A 295 -3.24 -23.89 9.93
N VAL A 296 -2.92 -23.40 8.74
CA VAL A 296 -1.63 -22.75 8.49
C VAL A 296 -1.75 -21.36 7.85
N ILE A 297 -0.67 -20.58 7.99
CA ILE A 297 -0.49 -19.36 7.23
C ILE A 297 0.91 -19.45 6.64
N LEU A 298 0.97 -19.46 5.31
CA LEU A 298 2.21 -19.70 4.59
C LEU A 298 2.67 -18.47 3.83
N ASP A 299 3.99 -18.27 3.78
CA ASP A 299 4.63 -17.32 2.89
C ASP A 299 5.13 -18.02 1.62
N GLY A 300 4.77 -17.48 0.46
CA GLY A 300 5.14 -18.07 -0.81
C GLY A 300 5.35 -17.13 -1.99
N GLU A 301 5.78 -17.72 -3.10
CA GLU A 301 5.89 -17.01 -4.35
C GLU A 301 5.00 -17.68 -5.40
N VAL A 302 4.15 -16.89 -6.04
CA VAL A 302 3.35 -17.38 -7.16
C VAL A 302 4.07 -17.02 -8.47
N ILE A 303 4.26 -18.01 -9.33
CA ILE A 303 4.91 -17.77 -10.61
C ILE A 303 4.01 -18.19 -11.77
N ALA A 304 4.13 -17.47 -12.88
CA ALA A 304 3.39 -17.82 -14.08
C ALA A 304 4.22 -18.81 -14.89
N VAL A 305 3.59 -19.90 -15.32
CA VAL A 305 4.24 -20.90 -16.17
C VAL A 305 3.42 -21.18 -17.42
N LYS A 306 4.08 -21.59 -18.50
CA LYS A 306 3.38 -21.87 -19.75
C LYS A 306 4.13 -22.93 -20.56
N GLU A 307 3.44 -24.04 -20.84
CA GLU A 307 4.02 -25.23 -21.47
C GLU A 307 5.38 -25.57 -20.84
N GLY A 308 5.41 -25.64 -19.52
CA GLY A 308 6.61 -26.05 -18.78
C GLY A 308 7.69 -25.01 -18.55
N LYS A 309 7.56 -23.83 -19.17
CA LYS A 309 8.57 -22.78 -19.00
C LYS A 309 8.08 -21.51 -18.28
N PRO A 310 8.93 -20.94 -17.40
CA PRO A 310 8.60 -19.78 -16.55
C PRO A 310 8.25 -18.52 -17.33
N MET A 311 7.33 -17.74 -16.78
CA MET A 311 6.91 -16.47 -17.38
C MET A 311 7.19 -15.33 -16.41
N PRO A 312 7.31 -14.08 -16.92
CA PRO A 312 7.69 -12.95 -16.05
C PRO A 312 6.56 -12.55 -15.10
N PHE A 313 6.91 -11.89 -14.00
CA PHE A 313 5.98 -11.65 -12.88
C PHE A 313 4.75 -10.81 -13.21
N GLN A 314 4.85 -9.93 -14.20
CA GLN A 314 3.71 -9.06 -14.55
C GLN A 314 2.55 -9.86 -15.14
N HIS A 315 2.84 -11.09 -15.56
CA HIS A 315 1.80 -12.05 -15.94
C HIS A 315 0.98 -12.49 -14.73
N VAL A 316 1.64 -12.74 -13.60
CA VAL A 316 0.93 -13.01 -12.34
C VAL A 316 0.08 -11.78 -11.95
N LEU A 317 0.64 -10.58 -12.15
CA LEU A 317 -0.06 -9.35 -11.83
C LEU A 317 -1.36 -9.20 -12.64
N ARG A 318 -1.33 -9.61 -13.92
CA ARG A 318 -2.54 -9.64 -14.76
C ARG A 318 -3.63 -10.54 -14.20
N ARG A 319 -3.24 -11.71 -13.71
CA ARG A 319 -4.15 -12.61 -13.01
C ARG A 319 -4.76 -11.89 -11.80
N PHE A 320 -3.91 -11.24 -11.02
CA PHE A 320 -4.33 -10.44 -9.85
C PHE A 320 -5.35 -9.36 -10.22
N ARG A 321 -5.16 -8.73 -11.38
CA ARG A 321 -6.12 -7.75 -11.90
C ARG A 321 -7.47 -8.39 -12.23
N ARG A 322 -7.43 -9.49 -13.00
CA ARG A 322 -8.58 -10.37 -13.33
C ARG A 322 -8.78 -10.57 -14.83
N ASP A 325 -15.29 -12.65 -15.65
CA ASP A 325 -14.91 -13.99 -16.11
C ASP A 325 -13.42 -14.28 -15.92
N VAL A 326 -13.09 -14.78 -14.73
CA VAL A 326 -11.71 -15.10 -14.37
C VAL A 326 -11.31 -16.49 -14.86
N ALA A 327 -12.29 -17.26 -15.31
CA ALA A 327 -12.09 -18.61 -15.85
C ALA A 327 -11.20 -18.61 -17.10
N LYS A 328 -11.30 -17.54 -17.88
CA LYS A 328 -10.50 -17.34 -19.09
C LYS A 328 -9.02 -17.12 -18.75
N MET A 329 -8.79 -16.42 -17.63
CA MET A 329 -7.44 -16.09 -17.16
C MET A 329 -6.67 -17.31 -16.67
N VAL A 330 -7.36 -18.25 -16.05
CA VAL A 330 -6.75 -19.51 -15.61
C VAL A 330 -6.15 -20.27 -16.80
N GLU A 331 -6.78 -20.13 -17.97
CA GLU A 331 -6.33 -20.81 -19.19
C GLU A 331 -5.16 -20.10 -19.87
N LYS A 332 -5.31 -18.80 -20.10
CA LYS A 332 -4.23 -17.97 -20.67
C LYS A 332 -2.96 -18.03 -19.84
N ILE A 333 -3.10 -17.79 -18.54
CA ILE A 333 -1.96 -17.64 -17.63
C ILE A 333 -2.06 -18.67 -16.50
N PRO A 334 -1.56 -19.90 -16.72
CA PRO A 334 -1.41 -20.88 -15.65
C PRO A 334 -0.44 -20.42 -14.56
N LEU A 335 -0.62 -20.94 -13.35
CA LEU A 335 0.22 -20.54 -12.22
C LEU A 335 0.66 -21.73 -11.39
N GLU A 336 1.78 -21.57 -10.69
CA GLU A 336 2.14 -22.46 -9.59
C GLU A 336 2.69 -21.68 -8.41
N ALA A 337 2.63 -22.30 -7.23
CA ALA A 337 3.03 -21.64 -6.00
C ALA A 337 4.19 -22.38 -5.35
N HIS A 338 5.18 -21.60 -4.89
CA HIS A 338 6.34 -22.12 -4.20
C HIS A 338 6.42 -21.49 -2.82
N PHE A 339 6.25 -22.31 -1.79
CA PHE A 339 6.25 -21.85 -0.42
C PHE A 339 7.63 -21.96 0.20
N PHE A 340 7.99 -20.94 0.98
CA PHE A 340 9.30 -20.85 1.61
C PHE A 340 9.27 -20.57 3.11
N ASP A 341 8.09 -20.23 3.64
CA ASP A 341 7.95 -20.01 5.07
C ASP A 341 6.53 -20.25 5.60
N ILE A 342 6.43 -20.33 6.93
CA ILE A 342 5.18 -20.60 7.63
C ILE A 342 5.14 -19.73 8.88
N LEU A 343 4.02 -19.05 9.10
CA LEU A 343 3.93 -18.06 10.19
C LEU A 343 2.97 -18.57 11.26
N TYR A 344 2.11 -19.48 10.85
CA TYR A 344 1.07 -20.01 11.70
C TYR A 344 0.89 -21.48 11.41
N HIS A 345 0.92 -22.27 12.47
CA HIS A 345 0.72 -23.71 12.38
C HIS A 345 0.05 -24.11 13.68
N ASP A 346 -1.28 -24.09 13.65
CA ASP A 346 -2.13 -24.13 14.85
C ASP A 346 -1.56 -23.29 16.00
N GLY A 347 -1.47 -22.00 15.75
CA GLY A 347 -0.82 -21.06 16.64
C GLY A 347 0.36 -20.39 15.94
N GLU A 348 0.68 -19.18 16.37
CA GLU A 348 1.87 -18.45 15.92
C GLU A 348 3.09 -19.35 16.00
N CYS A 349 3.99 -19.20 15.03
CA CYS A 349 5.25 -19.94 15.02
C CYS A 349 6.39 -19.09 14.43
N ILE A 350 6.14 -17.79 14.32
CA ILE A 350 7.12 -16.82 13.87
C ILE A 350 8.30 -16.62 14.82
N ASP A 351 8.13 -16.98 16.09
CA ASP A 351 9.21 -16.84 17.08
C ASP A 351 10.27 -17.94 17.01
N LEU A 352 9.96 -19.04 16.32
CA LEU A 352 10.98 -20.04 15.93
C LEU A 352 11.96 -19.24 15.05
N PRO A 353 13.25 -19.59 15.01
CA PRO A 353 14.08 -20.55 14.37
C PRO A 353 13.62 -20.93 12.97
N LEU A 354 14.22 -20.27 11.98
CA LEU A 354 13.98 -20.54 10.56
C LEU A 354 14.06 -22.04 10.25
N ARG A 355 15.12 -22.70 10.72
CA ARG A 355 15.30 -24.14 10.53
C ARG A 355 14.14 -24.97 11.11
N GLU A 356 13.59 -24.50 12.23
CA GLU A 356 12.41 -25.11 12.85
C GLU A 356 11.10 -24.82 12.08
N ARG A 357 10.96 -23.59 11.60
CA ARG A 357 9.82 -23.24 10.74
C ARG A 357 9.86 -24.07 9.46
N ARG A 358 11.05 -24.24 8.90
CA ARG A 358 11.24 -25.05 7.70
C ARG A 358 10.68 -26.47 7.86
N LYS A 359 11.01 -27.11 8.98
CA LYS A 359 10.46 -28.43 9.31
C LYS A 359 8.93 -28.42 9.31
N LEU A 360 8.36 -27.42 10.01
CA LEU A 360 6.92 -27.20 10.01
C LEU A 360 6.34 -27.02 8.62
N LEU A 361 7.04 -26.25 7.79
CA LEU A 361 6.61 -26.04 6.41
C LEU A 361 6.62 -27.34 5.61
N GLU A 362 7.68 -28.13 5.75
CA GLU A 362 7.84 -29.37 5.00
C GLU A 362 6.72 -30.37 5.26
N SER A 363 6.36 -30.54 6.53
CA SER A 363 5.28 -31.47 6.87
C SER A 363 3.87 -30.92 6.61
N ALA A 364 3.78 -29.63 6.26
CA ALA A 364 2.48 -28.97 6.05
C ALA A 364 2.04 -28.98 4.60
N VAL A 365 3.01 -29.00 3.69
CA VAL A 365 2.67 -29.10 2.27
C VAL A 365 3.07 -30.45 1.68
N ASN A 366 2.15 -31.00 0.90
CA ASN A 366 2.36 -32.19 0.13
C ASN A 366 2.52 -31.74 -1.32
N GLU A 367 3.76 -31.79 -1.80
CA GLU A 367 4.11 -31.26 -3.11
C GLU A 367 3.33 -31.91 -4.25
N SER A 368 2.78 -31.07 -5.11
CA SER A 368 2.10 -31.50 -6.34
C SER A 368 2.69 -30.74 -7.53
N GLU A 369 2.04 -30.86 -8.69
CA GLU A 369 2.52 -30.17 -9.88
C GLU A 369 2.38 -28.65 -9.75
N LYS A 370 1.36 -28.21 -9.02
CA LYS A 370 1.06 -26.79 -8.89
C LYS A 370 1.45 -26.16 -7.55
N ILE A 371 1.81 -27.00 -6.57
CA ILE A 371 2.24 -26.53 -5.24
C ILE A 371 3.59 -27.13 -4.87
N LYS A 372 4.60 -26.28 -4.72
CA LYS A 372 5.95 -26.75 -4.41
C LYS A 372 6.51 -26.10 -3.16
N LEU A 373 7.50 -26.75 -2.57
CA LEU A 373 8.39 -26.14 -1.61
C LEU A 373 9.60 -25.52 -2.30
N ALA A 374 10.02 -24.35 -1.83
CA ALA A 374 11.30 -23.79 -2.24
C ALA A 374 12.39 -24.78 -1.86
N LYS A 375 13.25 -25.09 -2.82
CA LYS A 375 14.43 -25.87 -2.54
C LYS A 375 15.31 -25.03 -1.64
N GLN A 376 15.77 -25.63 -0.54
CA GLN A 376 16.65 -24.94 0.36
C GLN A 376 17.90 -25.77 0.59
N ILE A 377 19.04 -25.10 0.61
CA ILE A 377 20.30 -25.70 1.06
C ILE A 377 20.81 -24.94 2.26
N VAL A 378 21.61 -25.60 3.08
CA VAL A 378 22.26 -24.97 4.22
C VAL A 378 23.76 -25.19 4.03
N THR A 379 24.55 -24.12 4.07
CA THR A 379 25.94 -24.20 3.64
C THR A 379 26.79 -23.02 4.11
N ASP A 380 28.10 -23.26 4.19
CA ASP A 380 29.09 -22.20 4.39
C ASP A 380 29.96 -22.04 3.15
N SER A 381 29.67 -22.81 2.11
CA SER A 381 30.46 -22.82 0.88
C SER A 381 29.98 -21.80 -0.14
N VAL A 382 30.83 -20.81 -0.44
CA VAL A 382 30.54 -19.81 -1.49
C VAL A 382 30.30 -20.46 -2.86
N ASP A 383 30.97 -21.59 -3.10
CA ASP A 383 30.85 -22.32 -4.37
C ASP A 383 29.51 -23.02 -4.50
N GLU A 384 29.00 -23.53 -3.38
CA GLU A 384 27.68 -24.18 -3.35
C GLU A 384 26.54 -23.18 -3.62
N VAL A 385 26.62 -22.01 -2.99
CA VAL A 385 25.61 -20.97 -3.20
C VAL A 385 25.68 -20.34 -4.60
N ARG A 386 26.89 -20.24 -5.17
CA ARG A 386 27.04 -19.82 -6.56
C ARG A 386 26.44 -20.83 -7.57
N LYS A 387 26.51 -22.11 -7.23
CA LYS A 387 25.92 -23.16 -8.06
C LYS A 387 24.40 -23.06 -8.09
N MET A 388 23.81 -22.73 -6.94
CA MET A 388 22.36 -22.54 -6.83
C MET A 388 21.94 -21.28 -7.58
N TYR A 389 22.69 -20.20 -7.35
CA TYR A 389 22.57 -18.93 -8.06
C TYR A 389 22.57 -19.14 -9.58
N ASP A 390 23.61 -19.79 -10.09
CA ASP A 390 23.68 -20.14 -11.50
C ASP A 390 22.47 -20.93 -11.98
N GLU A 391 22.07 -21.95 -11.21
CA GLU A 391 20.92 -22.78 -11.54
C GLU A 391 19.62 -21.97 -11.58
N ALA A 392 19.43 -21.09 -10.59
CA ALA A 392 18.26 -20.24 -10.50
C ALA A 392 18.13 -19.34 -11.73
N ILE A 393 19.22 -18.68 -12.09
CA ILE A 393 19.26 -17.81 -13.27
C ILE A 393 19.02 -18.59 -14.59
N SER A 394 19.67 -19.75 -14.76
CA SER A 394 19.45 -20.60 -15.94
C SER A 394 18.02 -21.07 -16.07
N ALA A 395 17.33 -21.19 -14.94
CA ALA A 395 15.93 -21.64 -14.90
C ALA A 395 14.97 -20.50 -15.21
N GLY A 396 15.51 -19.30 -15.39
CA GLY A 396 14.70 -18.14 -15.76
C GLY A 396 14.30 -17.27 -14.58
N HIS A 397 14.92 -17.52 -13.43
CA HIS A 397 14.67 -16.76 -12.22
C HIS A 397 15.82 -15.78 -11.92
N GLU A 398 15.83 -15.17 -10.73
CA GLU A 398 16.57 -13.92 -10.52
C GLU A 398 17.90 -14.03 -9.78
N GLY A 399 18.03 -15.08 -8.98
CA GLY A 399 19.19 -15.25 -8.11
C GLY A 399 18.83 -16.07 -6.88
N VAL A 400 19.37 -15.67 -5.74
CA VAL A 400 19.16 -16.43 -4.51
C VAL A 400 18.76 -15.57 -3.31
N MET A 401 17.98 -16.17 -2.42
CA MET A 401 17.73 -15.60 -1.11
C MET A 401 18.71 -16.29 -0.16
N ILE A 402 19.34 -15.49 0.69
CA ILE A 402 20.29 -16.00 1.69
C ILE A 402 19.83 -15.59 3.09
N LYS A 403 19.51 -16.59 3.91
CA LYS A 403 18.85 -16.36 5.19
C LYS A 403 19.56 -17.00 6.37
N LEU A 404 19.55 -16.32 7.52
CA LEU A 404 20.14 -16.82 8.77
C LEU A 404 19.28 -17.96 9.32
N PRO A 405 19.84 -19.19 9.38
CA PRO A 405 19.06 -20.36 9.83
C PRO A 405 18.49 -20.26 11.25
N SER A 406 19.04 -19.36 12.06
CA SER A 406 18.55 -19.17 13.43
C SER A 406 17.59 -17.99 13.59
N SER A 407 17.43 -17.19 12.54
CA SER A 407 16.60 -15.99 12.61
C SER A 407 15.14 -16.36 12.81
N PRO A 408 14.40 -15.59 13.65
CA PRO A 408 12.94 -15.68 13.72
C PRO A 408 12.30 -14.89 12.59
N TYR A 409 10.99 -15.02 12.42
CA TYR A 409 10.28 -14.27 11.40
C TYR A 409 9.77 -12.97 12.01
N ILE A 410 10.19 -11.84 11.43
CA ILE A 410 9.85 -10.52 11.95
C ILE A 410 8.96 -9.72 10.99
N PRO A 411 7.64 -9.77 11.21
CA PRO A 411 6.68 -9.08 10.33
C PRO A 411 7.03 -7.62 10.04
N GLY A 412 7.02 -7.27 8.76
CA GLY A 412 7.15 -5.89 8.32
C GLY A 412 8.54 -5.31 8.34
N LYS A 413 9.53 -6.10 8.74
CA LYS A 413 10.88 -5.63 8.96
C LYS A 413 11.81 -6.02 7.82
N ARG A 414 12.69 -5.08 7.48
CA ARG A 414 13.69 -5.24 6.42
C ARG A 414 15.11 -5.16 7.01
N GLY A 415 15.54 -6.23 7.67
CA GLY A 415 16.88 -6.29 8.24
C GLY A 415 17.84 -7.15 7.43
N LYS A 416 19.00 -7.44 8.02
CA LYS A 416 20.03 -8.23 7.35
C LYS A 416 19.86 -9.75 7.51
N ASN A 417 18.82 -10.20 8.19
CA ASN A 417 18.60 -11.65 8.38
C ASN A 417 18.23 -12.40 7.10
N TRP A 418 17.64 -11.67 6.15
CA TRP A 418 17.38 -12.17 4.82
C TRP A 418 18.06 -11.20 3.88
N LEU A 419 18.75 -11.75 2.88
CA LEU A 419 19.38 -10.93 1.86
C LEU A 419 19.04 -11.48 0.47
N LYS A 420 18.68 -10.58 -0.44
CA LYS A 420 18.52 -10.98 -1.84
C LYS A 420 19.79 -10.66 -2.62
N VAL A 421 20.27 -11.65 -3.36
CA VAL A 421 21.34 -11.43 -4.31
C VAL A 421 20.87 -11.85 -5.69
N LYS A 422 20.72 -10.88 -6.56
CA LYS A 422 20.29 -11.14 -7.92
C LYS A 422 21.20 -10.49 -8.92
N ALA A 423 21.19 -11.03 -10.13
CA ALA A 423 22.00 -10.51 -11.23
C ALA A 423 21.52 -9.12 -11.66
N ILE A 424 20.23 -8.94 -11.80
CA ILE A 424 19.66 -7.65 -12.23
C ILE A 424 19.55 -6.62 -11.10
N MET A 425 19.51 -5.35 -11.47
CA MET A 425 19.30 -4.33 -10.45
C MET A 425 17.82 -4.10 -10.07
N GLU A 426 17.59 -3.32 -9.01
CA GLU A 426 16.25 -3.05 -8.52
C GLU A 426 15.53 -2.07 -9.43
N THR A 427 14.22 -2.22 -9.52
CA THR A 427 13.38 -1.14 -10.02
C THR A 427 12.73 -0.50 -8.81
N LEU A 428 12.17 0.69 -9.00
CA LEU A 428 11.50 1.40 -7.91
C LEU A 428 10.07 1.65 -8.30
N ASP A 429 9.20 1.68 -7.31
CA ASP A 429 7.87 2.15 -7.59
C ASP A 429 7.62 3.50 -6.91
N LEU A 430 7.29 4.48 -7.75
CA LEU A 430 7.29 5.88 -7.37
C LEU A 430 5.96 6.52 -7.75
N VAL A 431 5.51 7.46 -6.93
CA VAL A 431 4.24 8.13 -7.17
C VAL A 431 4.40 9.16 -8.29
N VAL A 432 3.42 9.22 -9.19
CA VAL A 432 3.39 10.28 -10.20
C VAL A 432 2.75 11.53 -9.62
N VAL A 433 3.58 12.51 -9.29
CA VAL A 433 3.12 13.74 -8.65
C VAL A 433 2.95 14.91 -9.63
N GLY A 434 3.46 14.75 -10.84
CA GLY A 434 3.39 15.82 -11.84
C GLY A 434 3.70 15.37 -13.25
N GLY A 435 3.74 16.33 -14.17
CA GLY A 435 3.94 16.01 -15.57
C GLY A 435 4.16 17.21 -16.47
N GLU A 436 4.34 16.94 -17.76
CA GLU A 436 4.50 17.96 -18.77
C GLU A 436 3.72 17.53 -20.01
N TRP A 437 2.99 18.48 -20.58
CA TRP A 437 2.33 18.27 -21.86
C TRP A 437 3.37 18.19 -22.96
N GLY A 438 3.12 17.31 -23.92
CA GLY A 438 3.94 17.23 -25.14
C GLY A 438 3.78 18.47 -26.02
N GLU A 439 4.40 18.44 -27.20
CA GLU A 439 4.49 19.62 -28.06
C GLU A 439 4.14 19.29 -29.50
N GLY A 440 3.71 20.32 -30.25
CA GLY A 440 3.32 20.16 -31.65
C GLY A 440 2.16 19.19 -31.84
N LYS A 441 2.43 18.04 -32.45
CA LYS A 441 1.42 16.99 -32.58
C LYS A 441 1.14 16.31 -31.23
N ARG A 442 2.21 15.90 -30.55
CA ARG A 442 2.13 15.20 -29.25
C ARG A 442 1.55 16.06 -28.11
N SER A 443 1.09 17.25 -28.47
CA SER A 443 0.51 18.25 -27.56
C SER A 443 -0.68 17.73 -26.75
N HIS A 444 -1.41 16.79 -27.33
CA HIS A 444 -2.60 16.20 -26.69
C HIS A 444 -2.26 15.09 -25.69
N TRP A 445 -0.98 14.79 -25.53
CA TRP A 445 -0.52 13.81 -24.56
C TRP A 445 0.45 14.42 -23.54
N LEU A 446 0.38 13.90 -22.32
CA LEU A 446 1.47 14.08 -21.37
C LEU A 446 2.68 13.31 -21.90
N SER A 447 3.86 13.91 -21.82
CA SER A 447 5.07 13.29 -22.38
C SER A 447 6.11 12.94 -21.31
N SER A 448 6.02 13.62 -20.18
CA SER A 448 7.01 13.57 -19.11
C SER A 448 6.32 13.54 -17.74
N PHE A 449 6.91 12.83 -16.76
CA PHE A 449 6.26 12.56 -15.46
C PHE A 449 7.20 12.76 -14.27
N GLU A 450 6.73 13.50 -13.28
CA GLU A 450 7.50 13.76 -12.05
C GLU A 450 7.25 12.63 -11.06
N LEU A 451 8.31 12.15 -10.42
CA LEU A 451 8.24 10.93 -9.61
C LEU A 451 8.69 11.17 -8.18
N ALA A 452 7.97 10.57 -7.23
CA ALA A 452 8.26 10.80 -5.81
C ALA A 452 8.24 9.54 -5.01
N CYS A 453 9.13 9.46 -4.03
CA CYS A 453 9.13 8.40 -3.05
C CYS A 453 8.38 8.88 -1.79
N LEU A 454 8.12 7.96 -0.86
CA LEU A 454 7.32 8.24 0.32
C LEU A 454 8.15 8.39 1.61
N ASP A 455 7.82 9.42 2.40
CA ASP A 455 8.33 9.54 3.75
C ASP A 455 7.27 8.91 4.65
N PRO A 456 7.54 7.69 5.17
CA PRO A 456 6.50 6.95 5.89
C PRO A 456 6.13 7.52 7.28
N VAL A 457 6.93 8.43 7.83
CA VAL A 457 6.55 9.06 9.10
C VAL A 457 5.52 10.19 8.93
N THR A 458 5.70 11.01 7.89
CA THR A 458 4.83 12.14 7.63
C THR A 458 3.80 11.90 6.52
N GLY A 459 4.02 10.84 5.73
CA GLY A 459 3.24 10.58 4.51
C GLY A 459 3.50 11.55 3.36
N LYS A 460 4.50 12.42 3.51
CA LYS A 460 4.84 13.38 2.46
C LYS A 460 5.55 12.68 1.28
N LEU A 461 5.34 13.20 0.08
CA LEU A 461 5.99 12.67 -1.12
C LEU A 461 7.20 13.52 -1.45
N LEU A 462 8.37 12.88 -1.53
CA LEU A 462 9.61 13.58 -1.82
C LEU A 462 10.06 13.26 -3.25
N LYS A 463 10.16 14.31 -4.08
CA LYS A 463 10.57 14.18 -5.48
C LYS A 463 11.94 13.54 -5.61
N VAL A 464 12.08 12.73 -6.65
CA VAL A 464 13.24 11.88 -6.79
C VAL A 464 13.73 11.84 -8.25
N GLY A 465 12.89 12.31 -9.16
CA GLY A 465 13.29 12.37 -10.56
C GLY A 465 12.15 12.64 -11.52
N ARG A 466 12.47 12.50 -12.80
CA ARG A 466 11.55 12.74 -13.90
C ARG A 466 11.81 11.75 -15.03
N VAL A 467 10.74 11.20 -15.59
CA VAL A 467 10.84 10.13 -16.59
C VAL A 467 10.09 10.48 -17.88
N ALA A 468 10.73 10.16 -19.02
CA ALA A 468 10.17 10.43 -20.35
C ALA A 468 10.39 9.27 -21.31
N THR A 469 11.33 8.40 -20.99
CA THR A 469 11.63 7.24 -21.84
C THR A 469 10.93 5.98 -21.35
N GLY A 470 10.68 5.06 -22.28
CA GLY A 470 10.13 3.75 -21.95
C GLY A 470 8.65 3.65 -22.27
N PHE A 471 8.08 4.73 -22.81
CA PHE A 471 6.64 4.81 -23.10
C PHE A 471 6.33 4.53 -24.57
N THR A 472 5.31 3.71 -24.85
CA THR A 472 4.72 3.63 -26.19
C THR A 472 3.74 4.76 -26.32
N GLU A 473 3.25 5.02 -27.52
CA GLU A 473 2.31 6.13 -27.66
C GLU A 473 0.92 5.80 -27.16
N GLU A 474 0.54 4.52 -27.20
CA GLU A 474 -0.68 4.10 -26.54
C GLU A 474 -0.56 4.22 -25.00
N ASP A 475 0.63 3.94 -24.45
CA ASP A 475 0.94 4.26 -23.04
C ASP A 475 0.60 5.70 -22.73
N LEU A 476 1.07 6.62 -23.56
CA LEU A 476 0.83 8.05 -23.36
C LEU A 476 -0.64 8.44 -23.52
N GLU A 477 -1.33 7.80 -24.46
CA GLU A 477 -2.77 7.99 -24.64
C GLU A 477 -3.49 7.60 -23.36
N GLU A 478 -3.20 6.40 -22.87
CA GLU A 478 -3.87 5.81 -21.71
C GLU A 478 -3.59 6.58 -20.42
N LEU A 479 -2.33 7.00 -20.24
CA LEU A 479 -1.90 7.69 -19.03
C LEU A 479 -2.42 9.12 -18.95
N THR A 480 -2.53 9.76 -20.12
CA THR A 480 -3.12 11.09 -20.25
C THR A 480 -4.60 11.05 -19.84
N GLU A 481 -5.32 10.03 -20.27
CA GLU A 481 -6.74 9.92 -19.96
C GLU A 481 -6.98 9.67 -18.47
N MET A 482 -6.12 8.89 -17.84
CA MET A 482 -6.27 8.63 -16.41
C MET A 482 -5.74 9.73 -15.49
N PHE A 483 -4.89 10.60 -16.02
CA PHE A 483 -4.29 11.69 -15.24
C PHE A 483 -5.01 13.02 -15.35
N ARG A 484 -5.62 13.25 -16.51
CA ARG A 484 -6.34 14.48 -16.80
C ARG A 484 -7.26 14.94 -15.64
N PRO A 485 -8.16 14.05 -15.13
CA PRO A 485 -9.07 14.46 -14.03
C PRO A 485 -8.35 14.89 -12.75
N LEU A 486 -7.11 14.44 -12.59
CA LEU A 486 -6.35 14.66 -11.37
C LEU A 486 -5.50 15.93 -11.42
N ILE A 487 -5.60 16.69 -12.52
CA ILE A 487 -4.80 17.92 -12.64
C ILE A 487 -5.31 18.99 -11.67
N VAL A 488 -4.39 19.45 -10.85
CA VAL A 488 -4.70 20.25 -9.70
C VAL A 488 -3.89 21.56 -9.77
N SER A 489 -2.98 21.60 -10.73
CA SER A 489 -2.20 22.78 -11.02
C SER A 489 -1.77 22.67 -12.48
N GLN A 490 -1.90 23.76 -13.21
CA GLN A 490 -1.34 23.85 -14.56
C GLN A 490 -0.70 25.21 -14.79
N GLN A 491 0.64 25.22 -14.83
CA GLN A 491 1.42 26.39 -15.21
C GLN A 491 2.07 26.13 -16.57
N GLY A 492 1.28 26.37 -17.62
CA GLY A 492 1.74 26.20 -18.99
C GLY A 492 1.85 24.75 -19.42
N LYS A 493 3.07 24.24 -19.46
CA LYS A 493 3.31 22.84 -19.79
C LYS A 493 3.32 21.98 -18.53
N LYS A 494 3.78 22.57 -17.42
CA LYS A 494 3.82 21.93 -16.10
C LYS A 494 2.43 21.71 -15.49
N VAL A 495 2.13 20.46 -15.15
CA VAL A 495 0.95 20.12 -14.35
C VAL A 495 1.35 19.37 -13.07
N GLU A 496 0.52 19.52 -12.04
CA GLU A 496 0.65 18.74 -10.82
C GLU A 496 -0.59 17.88 -10.66
N PHE A 497 -0.42 16.68 -10.11
CA PHE A 497 -1.51 15.74 -9.90
C PHE A 497 -1.80 15.49 -8.43
N ILE A 498 -3.06 15.17 -8.14
CA ILE A 498 -3.44 14.44 -6.93
C ILE A 498 -2.68 13.11 -6.92
N PRO A 499 -1.84 12.88 -5.90
CA PRO A 499 -1.09 11.62 -5.82
C PRO A 499 -2.03 10.41 -5.81
N LYS A 500 -1.79 9.47 -6.72
CA LYS A 500 -2.75 8.39 -6.97
C LYS A 500 -2.05 7.19 -7.63
N TYR A 501 -1.39 7.45 -8.75
CA TYR A 501 -0.84 6.37 -9.56
C TYR A 501 0.63 6.15 -9.28
N VAL A 502 1.03 4.89 -9.36
CA VAL A 502 2.41 4.50 -9.10
C VAL A 502 3.01 3.86 -10.36
N PHE A 503 4.19 4.32 -10.77
CA PHE A 503 4.91 3.73 -11.89
C PHE A 503 6.02 2.83 -11.38
N GLU A 504 6.24 1.68 -12.04
CA GLU A 504 7.51 0.96 -11.89
C GLU A 504 8.57 1.62 -12.79
N VAL A 505 9.69 2.01 -12.16
CA VAL A 505 10.73 2.80 -12.81
C VAL A 505 12.08 2.11 -12.66
N ALA A 506 12.78 1.94 -13.78
CA ALA A 506 14.17 1.50 -13.79
C ALA A 506 15.09 2.71 -13.85
N TYR A 507 16.35 2.53 -13.49
CA TYR A 507 17.32 3.62 -13.48
C TYR A 507 18.72 3.07 -13.66
N GLN A 508 19.67 3.93 -14.04
CA GLN A 508 21.09 3.55 -14.10
C GLN A 508 21.78 3.80 -12.75
N GLU A 509 21.44 4.92 -12.12
CA GLU A 509 22.09 5.34 -10.89
C GLU A 509 21.18 6.26 -10.05
N ILE A 510 21.31 6.18 -8.74
CA ILE A 510 20.78 7.20 -7.84
C ILE A 510 21.96 8.10 -7.45
N GLN A 511 21.85 9.40 -7.71
CA GLN A 511 22.86 10.36 -7.24
C GLN A 511 22.30 11.17 -6.06
N LYS A 512 23.19 11.66 -5.20
CA LYS A 512 22.83 12.72 -4.27
C LYS A 512 22.80 14.05 -5.03
N SER A 513 21.77 14.84 -4.77
CA SER A 513 21.51 16.07 -5.54
C SER A 513 20.68 17.04 -4.72
N PRO A 514 21.00 18.35 -4.81
CA PRO A 514 20.17 19.31 -4.08
C PRO A 514 18.90 19.71 -4.84
N LYS A 515 18.73 19.25 -6.08
CA LYS A 515 17.61 19.71 -6.91
C LYS A 515 16.22 19.29 -6.42
N TYR A 516 16.14 18.22 -5.65
CA TYR A 516 14.87 17.81 -5.08
C TYR A 516 14.92 17.70 -3.56
N GLU A 517 13.76 17.97 -2.97
CA GLU A 517 13.50 17.83 -1.55
C GLU A 517 14.04 16.51 -0.96
N SER A 518 14.02 15.43 -1.74
CA SER A 518 14.46 14.12 -1.26
C SER A 518 15.96 14.06 -0.97
N GLY A 519 16.73 14.90 -1.66
CA GLY A 519 18.19 14.85 -1.60
C GLY A 519 18.79 13.86 -2.59
N TYR A 520 17.98 13.35 -3.51
CA TYR A 520 18.38 12.31 -4.46
C TYR A 520 17.78 12.54 -5.83
N ALA A 521 18.47 12.09 -6.86
CA ALA A 521 17.99 12.17 -8.24
C ALA A 521 18.29 10.87 -8.97
N LEU A 522 17.32 10.41 -9.75
CA LEU A 522 17.53 9.25 -10.61
C LEU A 522 18.26 9.67 -11.89
N ARG A 523 19.32 8.94 -12.21
CA ARG A 523 20.07 9.09 -13.44
C ARG A 523 19.55 8.04 -14.44
N PHE A 524 19.08 8.52 -15.58
CA PHE A 524 18.47 7.69 -16.64
C PHE A 524 17.28 6.84 -16.18
N PRO A 525 16.25 7.49 -15.59
CA PRO A 525 15.04 6.76 -15.22
C PRO A 525 14.32 6.30 -16.48
N ARG A 526 13.67 5.14 -16.40
CA ARG A 526 13.04 4.57 -17.58
C ARG A 526 11.78 3.86 -17.14
N PHE A 527 10.67 4.17 -17.82
CA PHE A 527 9.37 3.63 -17.48
C PHE A 527 9.32 2.14 -17.84
N VAL A 528 8.93 1.34 -16.85
CA VAL A 528 8.69 -0.09 -17.06
C VAL A 528 7.20 -0.36 -17.27
N ARG A 529 6.38 -0.04 -16.26
CA ARG A 529 4.92 -0.15 -16.34
C ARG A 529 4.19 0.61 -15.23
N LEU A 530 2.90 0.84 -15.45
CA LEU A 530 2.01 1.36 -14.43
C LEU A 530 1.74 0.26 -13.40
N ARG A 531 1.84 0.59 -12.11
CA ARG A 531 1.54 -0.41 -11.09
C ARG A 531 0.19 -0.14 -10.41
N ASP A 532 -0.86 -0.72 -10.98
CA ASP A 532 -2.21 -0.66 -10.40
C ASP A 532 -2.30 -1.43 -9.09
N ASP A 533 -1.44 -2.43 -8.92
CA ASP A 533 -1.38 -3.22 -7.69
C ASP A 533 -0.84 -2.43 -6.49
N LYS A 534 -0.46 -1.16 -6.73
CA LYS A 534 0.20 -0.34 -5.73
C LYS A 534 -0.49 1.02 -5.52
N ASP A 535 -0.93 1.27 -4.28
CA ASP A 535 -1.43 2.58 -3.86
C ASP A 535 -0.22 3.49 -3.52
N VAL A 536 -0.46 4.79 -3.35
CA VAL A 536 0.64 5.73 -3.07
C VAL A 536 1.35 5.41 -1.76
N ASP A 537 0.67 4.82 -0.79
CA ASP A 537 1.38 4.43 0.42
C ASP A 537 2.10 3.08 0.32
N GLU A 538 2.10 2.48 -0.87
CA GLU A 538 2.98 1.33 -1.13
C GLU A 538 4.15 1.67 -2.07
N ALA A 539 4.35 2.96 -2.34
CA ALA A 539 5.49 3.42 -3.10
C ALA A 539 6.73 3.24 -2.24
N ASP A 540 7.88 3.08 -2.89
CA ASP A 540 9.13 2.91 -2.17
C ASP A 540 9.45 4.13 -1.33
N THR A 541 10.04 3.88 -0.16
CA THR A 541 10.25 4.91 0.86
C THR A 541 11.58 5.62 0.68
N ILE A 542 11.70 6.83 1.22
CA ILE A 542 12.97 7.54 1.25
C ILE A 542 14.12 6.72 1.87
N GLU A 543 13.77 5.90 2.86
CA GLU A 543 14.72 4.95 3.47
C GLU A 543 15.24 3.92 2.47
N ARG A 544 14.35 3.37 1.64
CA ARG A 544 14.75 2.44 0.58
C ARG A 544 15.75 3.11 -0.39
N VAL A 545 15.39 4.30 -0.88
CA VAL A 545 16.23 5.03 -1.82
C VAL A 545 17.64 5.25 -1.23
N GLU A 546 17.67 5.70 0.02
CA GLU A 546 18.91 5.88 0.79
C GLU A 546 19.77 4.62 0.84
N ASN A 547 19.16 3.50 1.21
CA ASN A 547 19.85 2.21 1.26
C ASN A 547 20.34 1.77 -0.11
N LEU A 548 19.50 1.94 -1.13
CA LEU A 548 19.90 1.58 -2.49
C LEU A 548 21.04 2.46 -3.00
N TYR A 549 21.03 3.74 -2.62
CA TYR A 549 22.14 4.65 -2.92
C TYR A 549 23.46 4.20 -2.29
N LYS A 550 23.44 3.99 -0.97
CA LYS A 550 24.62 3.56 -0.20
C LYS A 550 25.24 2.27 -0.73
N LEU A 551 24.40 1.45 -1.36
CA LEU A 551 24.78 0.13 -1.82
C LEU A 551 25.47 0.16 -3.19
N GLN A 552 25.43 1.32 -3.85
CA GLN A 552 26.19 1.53 -5.08
C GLN A 552 27.69 1.67 -4.80
N PHE A 553 28.01 2.05 -3.56
CA PHE A 553 29.39 2.20 -3.10
C PHE A 553 29.70 1.30 -1.90
P PO4 B . 10.34 -5.96 -1.73
O1 PO4 B . 9.23 -6.98 -1.74
O2 PO4 B . 11.50 -6.55 -0.97
O3 PO4 B . 10.78 -5.62 -3.14
O4 PO4 B . 9.85 -4.71 -1.04
P PO4 C . 12.46 -7.26 -5.77
O1 PO4 C . 12.30 -8.43 -6.71
O2 PO4 C . 13.88 -7.10 -5.30
O3 PO4 C . 11.99 -6.01 -6.46
O4 PO4 C . 11.61 -7.52 -4.55
P PO4 D . 7.86 -5.40 -6.92
O1 PO4 D . 6.58 -6.17 -7.10
O2 PO4 D . 9.01 -6.38 -6.77
O3 PO4 D . 8.11 -4.54 -8.14
O4 PO4 D . 7.76 -4.54 -5.68
P PO4 E . 4.04 -4.99 -19.45
O1 PO4 E . 3.38 -6.07 -20.29
O2 PO4 E . 5.55 -5.21 -19.46
O3 PO4 E . 3.70 -3.63 -20.03
O4 PO4 E . 3.53 -5.08 -18.03
#